data_1FX4
#
_entry.id   1FX4
#
_cell.length_a   90.000
_cell.length_b   90.000
_cell.length_c   66.900
_cell.angle_alpha   90.00
_cell.angle_beta   90.00
_cell.angle_gamma   90.00
#
_symmetry.space_group_name_H-M   'I 41'
#
loop_
_entity.id
_entity.type
_entity.pdbx_description
1 polymer 'RECEPTOR-TYPE ADENYLATE CYCLASE GRESAG 4.3'
2 non-polymer 'MAGNESIUM ION'
3 water water
#
_entity_poly.entity_id   1
_entity_poly.type   'polypeptide(L)'
_entity_poly.pdbx_seq_one_letter_code
;DNDSAPKEPTGPVTLIFTDIESSTALWAAHPDLMPDAVATHHRLIRSLITRYECYEVKTVGDSFMIASKSPFAAVQLAQE
LQLCFLRLDWETNAVDESYREFEEQRAEGECEYTPPTASLDPEVYSRLWNGLRVRVGIHTGLCDIRYDEVTKGYDYYGRT
SNMAARTESVANGGQVLMTHAAYMSLSGEDRNQLDVTTLGATVLRGVPEPVRMYQLNAVPGRNFAALRLDR
;
_entity_poly.pdbx_strand_id   A
#
loop_
_chem_comp.id
_chem_comp.type
_chem_comp.name
_chem_comp.formula
MG non-polymer 'MAGNESIUM ION' 'Mg 2'
#
# COMPACT_ATOMS: atom_id res chain seq x y z
N ASP A 1 -6.54 13.59 -19.40
CA ASP A 1 -6.39 12.62 -18.28
C ASP A 1 -4.92 12.37 -17.86
N ASN A 2 -4.01 13.23 -18.34
CA ASN A 2 -2.57 13.10 -18.02
C ASN A 2 -1.93 14.30 -17.32
N ASP A 3 -2.70 15.36 -17.08
CA ASP A 3 -2.13 16.56 -16.45
C ASP A 3 -1.47 16.29 -15.09
N SER A 4 -1.96 15.30 -14.36
CA SER A 4 -1.38 14.99 -13.06
C SER A 4 -0.18 14.05 -13.14
N ALA A 5 0.14 13.57 -14.34
CA ALA A 5 1.28 12.68 -14.52
C ALA A 5 2.62 13.40 -14.52
N PRO A 6 3.57 12.95 -13.67
CA PRO A 6 4.89 13.57 -13.63
C PRO A 6 5.50 13.37 -15.02
N LYS A 7 5.94 14.46 -15.66
CA LYS A 7 6.45 14.40 -17.03
C LYS A 7 7.89 14.83 -17.25
N GLU A 8 8.55 15.28 -16.20
CA GLU A 8 9.93 15.76 -16.35
C GLU A 8 10.99 14.80 -15.87
N PRO A 9 11.86 14.35 -16.78
CA PRO A 9 12.93 13.41 -16.38
C PRO A 9 13.81 13.93 -15.24
N THR A 10 13.91 15.26 -15.08
CA THR A 10 14.72 15.80 -13.98
C THR A 10 13.94 15.91 -12.67
N GLY A 11 12.61 15.84 -12.75
CA GLY A 11 11.80 15.95 -11.54
C GLY A 11 11.56 14.62 -10.84
N PRO A 12 11.91 14.52 -9.54
CA PRO A 12 11.71 13.29 -8.77
C PRO A 12 10.25 12.90 -8.79
N VAL A 13 9.98 11.61 -8.85
CA VAL A 13 8.61 11.11 -8.87
C VAL A 13 8.36 10.27 -7.63
N THR A 14 7.16 10.37 -7.08
CA THR A 14 6.80 9.54 -5.94
C THR A 14 5.85 8.50 -6.48
N LEU A 15 6.24 7.24 -6.29
CA LEU A 15 5.42 6.16 -6.76
C LEU A 15 4.80 5.44 -5.59
N ILE A 16 3.54 5.03 -5.78
CA ILE A 16 2.81 4.29 -4.77
C ILE A 16 2.35 2.99 -5.41
N PHE A 17 2.68 1.86 -4.78
CA PHE A 17 2.20 0.58 -5.27
C PHE A 17 1.27 0.03 -4.20
N THR A 18 0.15 -0.54 -4.62
CA THR A 18 -0.80 -1.13 -3.68
C THR A 18 -1.18 -2.52 -4.14
N ASP A 19 -1.62 -3.34 -3.21
CA ASP A 19 -2.14 -4.64 -3.57
C ASP A 19 -3.03 -5.10 -2.44
N ILE A 20 -4.01 -5.93 -2.78
CA ILE A 20 -4.92 -6.45 -1.77
C ILE A 20 -4.26 -7.68 -1.17
N GLU A 21 -4.09 -7.65 0.15
CA GLU A 21 -3.47 -8.78 0.81
C GLU A 21 -4.37 -10.01 0.71
N SER A 22 -3.76 -11.13 0.36
CA SER A 22 -4.48 -12.41 0.26
C SER A 22 -5.66 -12.39 -0.68
N SER A 23 -5.61 -11.58 -1.73
CA SER A 23 -6.76 -11.54 -2.63
C SER A 23 -7.03 -12.88 -3.31
N THR A 24 -5.96 -13.60 -3.64
CA THR A 24 -6.15 -14.90 -4.29
C THR A 24 -6.96 -15.84 -3.40
N ALA A 25 -6.57 -15.94 -2.12
CA ALA A 25 -7.27 -16.78 -1.16
C ALA A 25 -8.70 -16.28 -0.90
N LEU A 26 -8.89 -14.96 -0.95
CA LEU A 26 -10.22 -14.39 -0.76
C LEU A 26 -11.11 -14.73 -1.95
N TRP A 27 -10.55 -14.68 -3.15
CA TRP A 27 -11.30 -14.99 -4.36
C TRP A 27 -11.76 -16.45 -4.31
N ALA A 28 -10.90 -17.30 -3.79
CA ALA A 28 -11.20 -18.73 -3.67
C ALA A 28 -12.29 -18.97 -2.62
N ALA A 29 -12.18 -18.29 -1.49
CA ALA A 29 -13.14 -18.45 -0.41
C ALA A 29 -14.45 -17.70 -0.61
N HIS A 30 -14.42 -16.58 -1.33
CA HIS A 30 -15.62 -15.76 -1.51
C HIS A 30 -15.86 -15.26 -2.94
N PRO A 31 -16.07 -16.19 -3.89
CA PRO A 31 -16.30 -15.81 -5.30
C PRO A 31 -17.53 -14.92 -5.46
N ASP A 32 -18.42 -14.98 -4.46
CA ASP A 32 -19.66 -14.22 -4.43
C ASP A 32 -19.52 -12.83 -3.82
N LEU A 33 -18.45 -12.59 -3.08
CA LEU A 33 -18.24 -11.28 -2.46
C LEU A 33 -17.15 -10.46 -3.11
N MET A 34 -16.12 -11.14 -3.59
CA MET A 34 -14.98 -10.45 -4.19
C MET A 34 -15.19 -9.54 -5.40
N PRO A 35 -16.04 -9.91 -6.38
CA PRO A 35 -16.21 -9.00 -7.52
C PRO A 35 -16.65 -7.61 -7.05
N ASP A 36 -17.62 -7.58 -6.14
CA ASP A 36 -18.14 -6.32 -5.62
C ASP A 36 -17.14 -5.60 -4.71
N ALA A 37 -16.49 -6.36 -3.84
CA ALA A 37 -15.53 -5.79 -2.90
C ALA A 37 -14.36 -5.16 -3.66
N VAL A 38 -13.87 -5.86 -4.68
CA VAL A 38 -12.77 -5.32 -5.48
C VAL A 38 -13.20 -4.12 -6.31
N ALA A 39 -14.45 -4.15 -6.79
CA ALA A 39 -14.97 -3.04 -7.57
C ALA A 39 -15.03 -1.82 -6.65
N THR A 40 -15.43 -2.04 -5.40
CA THR A 40 -15.51 -0.95 -4.42
C THR A 40 -14.10 -0.42 -4.16
N HIS A 41 -13.16 -1.36 -4.01
CA HIS A 41 -11.75 -1.04 -3.78
C HIS A 41 -11.25 -0.12 -4.89
N HIS A 42 -11.54 -0.47 -6.15
CA HIS A 42 -11.10 0.38 -7.27
C HIS A 42 -11.73 1.77 -7.23
N ARG A 43 -13.02 1.82 -6.91
CA ARG A 43 -13.70 3.12 -6.85
C ARG A 43 -13.12 4.00 -5.76
N LEU A 44 -12.87 3.42 -4.58
CA LEU A 44 -12.32 4.19 -3.47
C LEU A 44 -10.95 4.73 -3.83
N ILE A 45 -10.09 3.85 -4.35
CA ILE A 45 -8.75 4.29 -4.72
C ILE A 45 -8.75 5.35 -5.81
N ARG A 46 -9.59 5.19 -6.82
CA ARG A 46 -9.65 6.18 -7.90
C ARG A 46 -10.16 7.54 -7.41
N SER A 47 -11.03 7.55 -6.41
CA SER A 47 -11.53 8.80 -5.84
C SER A 47 -10.37 9.51 -5.15
N LEU A 48 -9.52 8.74 -4.48
CA LEU A 48 -8.37 9.28 -3.77
C LEU A 48 -7.33 9.81 -4.75
N ILE A 49 -7.10 9.05 -5.83
CA ILE A 49 -6.17 9.47 -6.87
C ILE A 49 -6.60 10.87 -7.36
N THR A 50 -7.89 11.03 -7.62
CA THR A 50 -8.41 12.31 -8.10
C THR A 50 -8.29 13.38 -7.03
N ARG A 51 -8.68 13.05 -5.81
CA ARG A 51 -8.62 14.00 -4.69
C ARG A 51 -7.22 14.54 -4.41
N TYR A 52 -6.21 13.67 -4.53
CA TYR A 52 -4.84 14.09 -4.25
C TYR A 52 -4.03 14.41 -5.48
N GLU A 53 -4.72 14.60 -6.61
CA GLU A 53 -4.14 14.95 -7.89
C GLU A 53 -2.99 14.06 -8.32
N CYS A 54 -3.11 12.78 -7.99
CA CYS A 54 -2.11 11.82 -8.38
C CYS A 54 -2.47 11.30 -9.77
N TYR A 55 -1.69 10.35 -10.25
CA TYR A 55 -1.91 9.80 -11.58
C TYR A 55 -1.90 8.28 -11.56
N GLU A 56 -2.99 7.68 -12.04
CA GLU A 56 -3.08 6.23 -12.11
C GLU A 56 -2.26 5.77 -13.31
N VAL A 57 -1.14 5.12 -13.05
CA VAL A 57 -0.26 4.64 -14.11
C VAL A 57 -0.88 3.40 -14.74
N LYS A 58 -1.22 2.43 -13.89
CA LYS A 58 -1.81 1.20 -14.37
C LYS A 58 -2.39 0.40 -13.23
N THR A 59 -3.16 -0.61 -13.62
CA THR A 59 -3.81 -1.53 -12.71
C THR A 59 -3.37 -2.93 -13.18
N VAL A 60 -2.93 -3.77 -12.25
CA VAL A 60 -2.52 -5.14 -12.59
C VAL A 60 -3.24 -6.00 -11.57
N GLY A 61 -4.34 -6.62 -11.99
CA GLY A 61 -5.13 -7.43 -11.07
C GLY A 61 -5.73 -6.40 -10.13
N ASP A 62 -5.60 -6.61 -8.82
CA ASP A 62 -6.14 -5.63 -7.90
C ASP A 62 -5.05 -4.70 -7.39
N SER A 63 -3.94 -4.67 -8.11
CA SER A 63 -2.80 -3.83 -7.74
C SER A 63 -2.85 -2.50 -8.47
N PHE A 64 -2.54 -1.42 -7.77
CA PHE A 64 -2.51 -0.09 -8.38
C PHE A 64 -1.08 0.42 -8.39
N MET A 65 -0.74 1.15 -9.45
CA MET A 65 0.55 1.81 -9.53
C MET A 65 0.13 3.26 -9.71
N ILE A 66 0.53 4.10 -8.76
CA ILE A 66 0.16 5.51 -8.78
C ILE A 66 1.40 6.38 -8.73
N ALA A 67 1.39 7.46 -9.50
CA ALA A 67 2.52 8.39 -9.53
C ALA A 67 2.03 9.74 -9.03
N SER A 68 2.92 10.49 -8.39
CA SER A 68 2.57 11.80 -7.86
C SER A 68 3.72 12.78 -8.03
N LYS A 69 3.40 14.02 -8.37
CA LYS A 69 4.41 15.07 -8.53
C LYS A 69 4.79 15.57 -7.14
N SER A 70 3.96 15.24 -6.16
CA SER A 70 4.14 15.65 -4.78
C SER A 70 4.27 14.50 -3.79
N PRO A 71 5.40 14.45 -3.07
CA PRO A 71 5.62 13.38 -2.08
C PRO A 71 4.55 13.39 -1.01
N PHE A 72 4.18 14.59 -0.55
CA PHE A 72 3.17 14.71 0.49
C PHE A 72 1.78 14.25 0.07
N ALA A 73 1.40 14.55 -1.17
CA ALA A 73 0.09 14.16 -1.69
C ALA A 73 0.03 12.62 -1.74
N ALA A 74 1.16 12.01 -2.04
CA ALA A 74 1.24 10.55 -2.11
C ALA A 74 1.01 9.93 -0.74
N VAL A 75 1.62 10.54 0.28
CA VAL A 75 1.50 10.06 1.64
C VAL A 75 0.08 10.27 2.17
N GLN A 76 -0.52 11.42 1.85
CA GLN A 76 -1.89 11.70 2.27
C GLN A 76 -2.82 10.67 1.65
N LEU A 77 -2.60 10.39 0.37
CA LEU A 77 -3.44 9.42 -0.33
C LEU A 77 -3.35 8.06 0.37
N ALA A 78 -2.14 7.61 0.68
CA ALA A 78 -1.96 6.31 1.34
C ALA A 78 -2.63 6.27 2.71
N GLN A 79 -2.52 7.37 3.46
CA GLN A 79 -3.13 7.42 4.78
C GLN A 79 -4.64 7.40 4.67
N GLU A 80 -5.18 8.18 3.74
CA GLU A 80 -6.61 8.23 3.56
C GLU A 80 -7.12 6.90 3.01
N LEU A 81 -6.29 6.23 2.23
CA LEU A 81 -6.68 4.92 1.70
C LEU A 81 -6.98 4.00 2.87
N GLN A 82 -6.04 3.84 3.80
CA GLN A 82 -6.26 2.95 4.94
C GLN A 82 -7.50 3.33 5.77
N LEU A 83 -7.67 4.64 6.00
CA LEU A 83 -8.81 5.11 6.77
C LEU A 83 -10.15 4.90 6.05
N CYS A 84 -10.19 5.16 4.75
CA CYS A 84 -11.40 4.99 3.96
C CYS A 84 -11.83 3.53 3.95
N PHE A 85 -10.88 2.65 3.69
CA PHE A 85 -11.17 1.21 3.66
C PHE A 85 -11.65 0.71 5.03
N LEU A 86 -11.08 1.27 6.10
CA LEU A 86 -11.46 0.87 7.45
C LEU A 86 -12.88 1.33 7.79
N ARG A 87 -13.21 2.56 7.38
CA ARG A 87 -14.51 3.14 7.67
C ARG A 87 -15.67 2.68 6.80
N LEU A 88 -15.39 2.18 5.60
CA LEU A 88 -16.44 1.72 4.70
C LEU A 88 -17.22 0.51 5.23
N ASP A 89 -18.53 0.49 5.00
CA ASP A 89 -19.34 -0.65 5.39
C ASP A 89 -19.27 -1.58 4.17
N TRP A 90 -18.52 -2.67 4.31
CA TRP A 90 -18.34 -3.65 3.24
C TRP A 90 -19.54 -4.57 3.08
N GLU A 91 -20.49 -4.48 4.01
CA GLU A 91 -21.71 -5.28 3.98
C GLU A 91 -21.46 -6.77 4.12
N THR A 92 -20.39 -7.12 4.83
CA THR A 92 -20.04 -8.50 5.06
C THR A 92 -18.94 -8.57 6.10
N ASN A 93 -18.94 -9.64 6.91
CA ASN A 93 -17.88 -9.79 7.87
C ASN A 93 -17.02 -10.96 7.41
N ALA A 94 -17.42 -11.55 6.27
CA ALA A 94 -16.72 -12.70 5.71
C ALA A 94 -15.25 -12.48 5.37
N VAL A 95 -14.92 -11.27 4.91
CA VAL A 95 -13.53 -10.95 4.55
C VAL A 95 -12.66 -10.92 5.82
N ASP A 96 -13.18 -10.32 6.87
CA ASP A 96 -12.43 -10.23 8.11
C ASP A 96 -12.28 -11.62 8.74
N GLU A 97 -13.31 -12.44 8.65
CA GLU A 97 -13.24 -13.79 9.20
C GLU A 97 -12.14 -14.54 8.47
N SER A 98 -12.10 -14.39 7.14
CA SER A 98 -11.08 -15.06 6.35
C SER A 98 -9.69 -14.56 6.73
N TYR A 99 -9.51 -13.24 6.86
CA TYR A 99 -8.20 -12.72 7.24
C TYR A 99 -7.75 -13.31 8.57
N ARG A 100 -8.67 -13.42 9.53
CA ARG A 100 -8.30 -13.98 10.82
C ARG A 100 -7.93 -15.46 10.68
N GLU A 101 -8.66 -16.20 9.85
CA GLU A 101 -8.36 -17.62 9.59
C GLU A 101 -6.97 -17.76 8.98
N PHE A 102 -6.65 -16.92 7.99
CA PHE A 102 -5.34 -16.99 7.34
C PHE A 102 -4.20 -16.82 8.34
N GLU A 103 -4.37 -15.91 9.29
CA GLU A 103 -3.35 -15.69 10.32
C GLU A 103 -3.21 -16.94 11.17
N GLU A 104 -4.34 -17.51 11.55
CA GLU A 104 -4.34 -18.71 12.38
C GLU A 104 -3.70 -19.88 11.66
N GLN A 105 -4.01 -20.03 10.36
CA GLN A 105 -3.44 -21.10 9.54
C GLN A 105 -1.92 -20.92 9.44
N ARG A 106 -1.50 -19.68 9.28
CA ARG A 106 -0.08 -19.37 9.17
C ARG A 106 0.67 -19.56 10.49
N ALA A 107 0.00 -19.28 11.60
CA ALA A 107 0.59 -19.41 12.93
C ALA A 107 0.93 -20.85 13.33
N GLU A 108 0.00 -21.77 13.08
CA GLU A 108 0.22 -23.17 13.43
C GLU A 108 1.36 -23.80 12.62
N GLY A 109 1.49 -23.38 11.36
CA GLY A 109 2.52 -23.91 10.49
C GLY A 109 3.87 -23.20 10.45
N GLU A 110 3.99 -22.08 11.14
CA GLU A 110 5.23 -21.33 11.17
C GLU A 110 5.64 -21.08 12.61
N CYS A 111 6.87 -21.41 12.95
CA CYS A 111 7.35 -21.14 14.29
C CYS A 111 7.84 -19.69 14.18
N GLU A 112 7.68 -18.92 15.25
CA GLU A 112 8.11 -17.53 15.21
C GLU A 112 7.31 -16.70 14.19
N TYR A 113 6.05 -16.47 14.54
CA TYR A 113 5.08 -15.68 13.79
C TYR A 113 3.87 -15.76 14.68
N THR A 114 3.24 -14.63 14.93
CA THR A 114 2.07 -14.61 15.77
C THR A 114 1.00 -13.80 15.03
N PRO A 115 -0.27 -14.23 15.11
CA PRO A 115 -1.34 -13.50 14.43
C PRO A 115 -1.44 -12.08 14.95
N PRO A 116 -1.24 -11.08 14.06
CA PRO A 116 -1.32 -9.68 14.48
C PRO A 116 -2.72 -9.10 14.70
N THR A 117 -3.78 -9.83 14.31
CA THR A 117 -5.14 -9.33 14.50
C THR A 117 -6.13 -10.38 15.02
N ALA A 118 -5.87 -11.65 14.75
CA ALA A 118 -6.77 -12.71 15.20
C ALA A 118 -6.82 -12.88 16.72
N SER A 119 -5.87 -12.27 17.42
CA SER A 119 -5.84 -12.34 18.89
C SER A 119 -6.45 -11.11 19.56
N LEU A 120 -6.97 -10.19 18.74
CA LEU A 120 -7.62 -8.99 19.27
C LEU A 120 -9.03 -9.34 19.73
N ASP A 121 -9.53 -8.65 20.77
CA ASP A 121 -10.90 -8.90 21.20
C ASP A 121 -11.78 -8.37 20.07
N PRO A 122 -12.97 -8.97 19.89
CA PRO A 122 -13.92 -8.58 18.84
C PRO A 122 -14.14 -7.09 18.62
N GLU A 123 -14.48 -6.37 19.69
CA GLU A 123 -14.73 -4.94 19.62
C GLU A 123 -13.46 -4.14 19.27
N VAL A 124 -12.33 -4.62 19.75
CA VAL A 124 -11.04 -3.97 19.51
C VAL A 124 -10.64 -4.17 18.05
N TYR A 125 -10.88 -5.37 17.56
CA TYR A 125 -10.57 -5.71 16.18
C TYR A 125 -11.32 -4.79 15.21
N SER A 126 -12.62 -4.61 15.43
CA SER A 126 -13.41 -3.81 14.50
C SER A 126 -13.11 -2.31 14.52
N ARG A 127 -12.38 -1.85 15.52
CA ARG A 127 -12.04 -0.45 15.60
C ARG A 127 -10.77 -0.23 14.74
N LEU A 128 -10.08 -1.33 14.44
CA LEU A 128 -8.82 -1.25 13.67
C LEU A 128 -8.78 -1.95 12.32
N TRP A 129 -9.68 -2.92 12.13
CA TRP A 129 -9.70 -3.70 10.91
C TRP A 129 -11.12 -3.88 10.44
N ASN A 130 -11.31 -3.78 9.13
CA ASN A 130 -12.61 -3.94 8.53
C ASN A 130 -12.50 -3.99 7.00
N GLY A 131 -12.87 -5.11 6.41
CA GLY A 131 -12.85 -5.24 4.95
C GLY A 131 -11.52 -5.61 4.32
N LEU A 132 -11.39 -5.31 3.04
CA LEU A 132 -10.16 -5.60 2.30
C LEU A 132 -8.94 -4.92 2.91
N ARG A 133 -7.84 -5.67 3.03
CA ARG A 133 -6.61 -5.11 3.57
C ARG A 133 -5.64 -4.82 2.43
N VAL A 134 -5.28 -3.55 2.30
CA VAL A 134 -4.40 -3.10 1.23
C VAL A 134 -3.00 -2.81 1.74
N ARG A 135 -2.00 -3.39 1.10
CA ARG A 135 -0.61 -3.12 1.46
C ARG A 135 -0.18 -2.00 0.55
N VAL A 136 0.62 -1.08 1.09
CA VAL A 136 1.05 0.08 0.32
C VAL A 136 2.52 0.34 0.52
N GLY A 137 3.20 0.60 -0.59
CA GLY A 137 4.62 0.91 -0.54
C GLY A 137 4.79 2.23 -1.26
N ILE A 138 5.64 3.09 -0.73
CA ILE A 138 5.89 4.41 -1.32
C ILE A 138 7.37 4.70 -1.42
N HIS A 139 7.80 5.21 -2.58
CA HIS A 139 9.20 5.55 -2.79
C HIS A 139 9.29 6.76 -3.70
N THR A 140 10.32 7.58 -3.48
CA THR A 140 10.53 8.79 -4.27
C THR A 140 11.92 8.74 -4.91
N GLY A 141 12.00 9.15 -6.18
CA GLY A 141 13.27 9.17 -6.87
C GLY A 141 13.12 9.56 -8.32
N LEU A 142 14.25 9.80 -9.00
CA LEU A 142 14.19 10.14 -10.41
C LEU A 142 13.81 8.87 -11.16
N CYS A 143 12.96 9.00 -12.17
CA CYS A 143 12.50 7.86 -12.97
C CYS A 143 12.76 8.05 -14.45
N ASP A 144 12.79 6.92 -15.16
CA ASP A 144 12.88 6.97 -16.61
C ASP A 144 11.39 7.02 -16.97
N ILE A 145 10.96 8.17 -17.47
CA ILE A 145 9.58 8.39 -17.82
C ILE A 145 9.32 8.03 -19.29
N ARG A 146 8.27 7.22 -19.51
CA ARG A 146 7.93 6.81 -20.87
C ARG A 146 6.51 7.25 -21.23
N TYR A 147 6.39 7.82 -22.41
CA TYR A 147 5.11 8.28 -22.91
C TYR A 147 4.62 7.30 -23.95
N ASP A 148 3.31 7.05 -23.92
CA ASP A 148 2.70 6.15 -24.88
C ASP A 148 1.85 7.03 -25.79
N GLU A 149 2.16 6.98 -27.08
CA GLU A 149 1.45 7.77 -28.07
C GLU A 149 0.02 7.27 -28.29
N VAL A 150 -0.15 5.96 -28.25
CA VAL A 150 -1.45 5.33 -28.47
C VAL A 150 -2.51 5.52 -27.37
N THR A 151 -2.07 5.43 -26.10
CA THR A 151 -2.98 5.59 -24.96
C THR A 151 -2.89 7.00 -24.39
N LYS A 152 -1.84 7.72 -24.79
CA LYS A 152 -1.55 9.07 -24.31
C LYS A 152 -1.12 8.98 -22.84
N GLY A 153 -0.80 7.77 -22.38
CA GLY A 153 -0.40 7.58 -21.00
C GLY A 153 1.08 7.66 -20.71
N TYR A 154 1.41 7.80 -19.43
CA TYR A 154 2.80 7.86 -18.99
C TYR A 154 3.10 6.67 -18.10
N ASP A 155 4.30 6.13 -18.23
CA ASP A 155 4.73 5.01 -17.40
C ASP A 155 6.09 5.37 -16.82
N TYR A 156 6.48 4.66 -15.77
CA TYR A 156 7.72 4.92 -15.07
C TYR A 156 8.49 3.63 -14.86
N TYR A 157 9.71 3.61 -15.38
CA TYR A 157 10.59 2.45 -15.30
C TYR A 157 11.90 2.81 -14.62
N GLY A 158 12.70 1.79 -14.33
CA GLY A 158 13.97 2.04 -13.68
C GLY A 158 13.98 1.57 -12.24
N ARG A 159 15.13 1.73 -11.59
CA ARG A 159 15.29 1.30 -10.21
C ARG A 159 14.28 1.94 -9.25
N THR A 160 13.87 3.18 -9.53
CA THR A 160 12.91 3.88 -8.69
C THR A 160 11.57 3.17 -8.64
N SER A 161 11.08 2.78 -9.82
CA SER A 161 9.82 2.07 -9.90
C SER A 161 9.96 0.71 -9.23
N ASN A 162 11.08 0.04 -9.46
CA ASN A 162 11.33 -1.29 -8.88
C ASN A 162 11.45 -1.20 -7.36
N MET A 163 12.01 -0.09 -6.87
CA MET A 163 12.16 0.12 -5.44
C MET A 163 10.79 0.29 -4.79
N ALA A 164 9.92 1.06 -5.43
CA ALA A 164 8.57 1.29 -4.92
C ALA A 164 7.81 -0.03 -4.88
N ALA A 165 7.97 -0.83 -5.93
CA ALA A 165 7.30 -2.11 -6.04
C ALA A 165 7.76 -3.09 -4.97
N ARG A 166 9.07 -3.17 -4.75
CA ARG A 166 9.56 -4.09 -3.73
C ARG A 166 9.23 -3.63 -2.32
N THR A 167 9.03 -2.32 -2.14
CA THR A 167 8.67 -1.78 -0.83
C THR A 167 7.24 -2.24 -0.54
N GLU A 168 6.38 -2.16 -1.54
CA GLU A 168 5.01 -2.61 -1.39
C GLU A 168 4.98 -4.11 -1.12
N SER A 169 5.83 -4.85 -1.83
CA SER A 169 5.84 -6.31 -1.66
C SER A 169 6.13 -6.77 -0.24
N VAL A 170 6.91 -6.01 0.51
CA VAL A 170 7.23 -6.39 1.88
C VAL A 170 6.23 -5.86 2.92
N ALA A 171 5.34 -4.97 2.51
CA ALA A 171 4.34 -4.42 3.41
C ALA A 171 3.22 -5.44 3.61
N ASN A 172 2.66 -5.45 4.80
CA ASN A 172 1.55 -6.33 5.14
C ASN A 172 0.26 -5.64 4.81
N GLY A 173 -0.84 -6.39 4.86
CA GLY A 173 -2.13 -5.81 4.57
C GLY A 173 -2.46 -4.77 5.62
N GLY A 174 -2.92 -3.60 5.17
CA GLY A 174 -3.26 -2.53 6.10
C GLY A 174 -2.05 -1.71 6.52
N GLN A 175 -0.88 -2.05 5.99
CA GLN A 175 0.36 -1.35 6.33
C GLN A 175 0.83 -0.43 5.20
N VAL A 176 1.37 0.71 5.57
CA VAL A 176 1.89 1.67 4.59
C VAL A 176 3.37 1.87 4.90
N LEU A 177 4.22 1.54 3.93
CA LEU A 177 5.65 1.69 4.10
C LEU A 177 6.19 2.76 3.20
N MET A 178 7.11 3.56 3.73
CA MET A 178 7.76 4.60 2.97
C MET A 178 9.23 4.33 3.09
N THR A 179 9.96 4.47 1.99
CA THR A 179 11.39 4.29 2.05
C THR A 179 11.94 5.58 2.68
N HIS A 180 13.20 5.53 3.09
CA HIS A 180 13.85 6.70 3.65
C HIS A 180 13.79 7.84 2.62
N ALA A 181 13.99 7.51 1.35
CA ALA A 181 13.96 8.51 0.30
C ALA A 181 12.62 9.23 0.19
N ALA A 182 11.52 8.49 0.30
CA ALA A 182 10.19 9.08 0.24
C ALA A 182 9.96 9.92 1.49
N TYR A 183 10.23 9.33 2.65
CA TYR A 183 10.04 10.00 3.93
C TYR A 183 10.83 11.32 3.96
N MET A 184 12.08 11.29 3.52
CA MET A 184 12.90 12.50 3.53
C MET A 184 12.62 13.46 2.37
N SER A 185 11.77 13.04 1.43
CA SER A 185 11.38 13.88 0.30
C SER A 185 10.35 14.88 0.80
N LEU A 186 9.69 14.52 1.89
CA LEU A 186 8.70 15.40 2.49
C LEU A 186 9.47 16.50 3.20
N SER A 187 8.84 17.64 3.37
CA SER A 187 9.48 18.75 4.08
C SER A 187 9.45 18.38 5.56
N GLY A 188 10.27 19.05 6.37
CA GLY A 188 10.31 18.76 7.80
C GLY A 188 8.96 18.97 8.45
N GLU A 189 8.26 20.00 7.98
CA GLU A 189 6.93 20.36 8.47
C GLU A 189 5.93 19.25 8.14
N ASP A 190 6.01 18.72 6.92
CA ASP A 190 5.13 17.65 6.49
C ASP A 190 5.34 16.39 7.33
N ARG A 191 6.60 16.07 7.63
CA ARG A 191 6.92 14.90 8.43
C ARG A 191 6.34 14.98 9.85
N ASN A 192 6.30 16.19 10.40
CA ASN A 192 5.78 16.40 11.74
C ASN A 192 4.26 16.30 11.82
N GLN A 193 3.58 16.37 10.67
CA GLN A 193 2.14 16.25 10.63
C GLN A 193 1.73 14.78 10.56
N LEU A 194 2.71 13.90 10.42
CA LEU A 194 2.47 12.46 10.30
C LEU A 194 2.87 11.66 11.53
N ASP A 195 2.19 10.52 11.69
CA ASP A 195 2.48 9.61 12.78
C ASP A 195 3.24 8.49 12.08
N VAL A 196 4.53 8.40 12.36
CA VAL A 196 5.38 7.40 11.71
C VAL A 196 6.18 6.58 12.70
N THR A 197 6.43 5.33 12.34
CA THR A 197 7.23 4.42 13.16
C THR A 197 8.40 3.94 12.32
N THR A 198 9.61 4.09 12.85
CA THR A 198 10.79 3.64 12.14
C THR A 198 10.86 2.14 12.26
N LEU A 199 11.05 1.46 11.13
CA LEU A 199 11.15 0.01 11.11
C LEU A 199 12.59 -0.45 10.96
N GLY A 200 13.45 0.49 10.59
CA GLY A 200 14.86 0.17 10.43
C GLY A 200 15.23 -0.37 9.06
N ALA A 201 16.50 -0.73 8.92
CA ALA A 201 17.05 -1.27 7.68
C ALA A 201 16.38 -2.58 7.29
N THR A 202 16.02 -2.67 6.01
CA THR A 202 15.32 -3.83 5.47
C THR A 202 15.97 -4.30 4.17
N VAL A 203 16.08 -5.62 4.04
CA VAL A 203 16.67 -6.22 2.85
C VAL A 203 15.60 -6.44 1.80
N LEU A 204 15.79 -5.83 0.63
CA LEU A 204 14.87 -5.95 -0.47
C LEU A 204 15.51 -6.76 -1.59
N ARG A 205 14.72 -7.65 -2.19
CA ARG A 205 15.23 -8.51 -3.25
C ARG A 205 15.71 -7.67 -4.43
N GLY A 206 16.91 -7.97 -4.92
CA GLY A 206 17.46 -7.24 -6.04
C GLY A 206 18.01 -5.86 -5.70
N VAL A 207 18.08 -5.54 -4.41
CA VAL A 207 18.61 -4.26 -3.94
C VAL A 207 19.88 -4.60 -3.15
N PRO A 208 21.04 -4.04 -3.57
CA PRO A 208 22.33 -4.29 -2.91
C PRO A 208 22.41 -3.94 -1.43
N GLU A 209 21.99 -2.74 -1.08
CA GLU A 209 22.06 -2.29 0.31
C GLU A 209 20.71 -2.27 0.98
N PRO A 210 20.70 -2.43 2.32
CA PRO A 210 19.46 -2.42 3.11
C PRO A 210 18.78 -1.07 2.94
N VAL A 211 17.46 -1.08 2.96
CA VAL A 211 16.69 0.14 2.80
C VAL A 211 15.97 0.46 4.12
N ARG A 212 16.19 1.66 4.64
CA ARG A 212 15.53 2.05 5.88
C ARG A 212 14.06 2.28 5.57
N MET A 213 13.21 1.59 6.30
CA MET A 213 11.77 1.63 6.11
C MET A 213 11.06 2.41 7.21
N TYR A 214 10.03 3.17 6.83
CA TYR A 214 9.22 3.97 7.76
C TYR A 214 7.75 3.60 7.61
N GLN A 215 7.12 3.24 8.72
CA GLN A 215 5.71 2.85 8.73
C GLN A 215 4.84 4.05 9.04
N LEU A 216 3.96 4.38 8.10
CA LEU A 216 3.03 5.48 8.27
C LEU A 216 1.85 4.89 9.06
N ASN A 217 1.68 5.36 10.28
CA ASN A 217 0.61 4.86 11.15
C ASN A 217 -0.74 5.50 10.81
N ALA A 218 -1.27 5.14 9.64
CA ALA A 218 -2.52 5.69 9.14
C ALA A 218 -3.72 5.37 10.03
N VAL A 219 -3.71 4.19 10.63
CA VAL A 219 -4.78 3.77 11.55
C VAL A 219 -4.02 3.41 12.82
N PRO A 220 -3.80 4.42 13.71
CA PRO A 220 -3.07 4.16 14.96
C PRO A 220 -3.61 2.98 15.75
N GLY A 221 -2.70 2.14 16.24
CA GLY A 221 -3.10 0.99 17.03
C GLY A 221 -2.91 -0.33 16.32
N ARG A 222 -2.77 -0.29 14.99
CA ARG A 222 -2.59 -1.53 14.23
C ARG A 222 -1.25 -2.18 14.47
N ASN A 223 -1.26 -3.51 14.48
CA ASN A 223 -0.04 -4.29 14.60
C ASN A 223 0.08 -5.08 13.32
N PHE A 224 1.32 -5.36 12.94
CA PHE A 224 1.57 -6.08 11.71
C PHE A 224 2.56 -7.20 11.96
N ALA A 225 2.61 -8.12 11.02
CA ALA A 225 3.57 -9.22 11.14
C ALA A 225 4.92 -8.62 10.76
N ALA A 226 5.96 -9.45 10.78
CA ALA A 226 7.28 -8.99 10.38
C ALA A 226 7.09 -8.64 8.89
N LEU A 227 7.99 -7.84 8.32
CA LEU A 227 7.86 -7.51 6.90
C LEU A 227 7.96 -8.77 6.05
N ARG A 228 7.23 -8.80 4.93
CA ARG A 228 7.25 -9.96 4.03
C ARG A 228 8.57 -10.11 3.27
N LEU A 229 9.68 -10.24 3.99
CA LEU A 229 10.98 -10.41 3.32
C LEU A 229 11.01 -11.86 2.77
N ASP A 230 11.86 -12.10 1.78
CA ASP A 230 11.94 -13.42 1.11
C ASP A 230 12.15 -14.75 1.85
N ARG A 231 13.10 -14.83 2.78
CA ARG A 231 13.35 -16.09 3.49
C ARG A 231 14.03 -15.92 4.84
MG MG B . -2.86 -8.68 -6.45
#